data_5TFV
#
_entry.id   5TFV
#
_cell.length_a   56.534
_cell.length_b   56.534
_cell.length_c   136.459
_cell.angle_alpha   90.00
_cell.angle_beta   90.00
_cell.angle_gamma   120.00
#
_symmetry.space_group_name_H-M   'P 32 2 1'
#
loop_
_entity.id
_entity.type
_entity.pdbx_description
1 polymer 'Basic phospholipase A2 myotoxin III'
2 non-polymer 2-AMINO-2-HYDROXYMETHYL-PROPANE-1,3-DIOL
3 water water
#
_entity_poly.entity_id   1
_entity_poly.type   'polypeptide(L)'
_entity_poly.pdbx_seq_one_letter_code
;SLIEFAKMILEETKRLPFPYYTTYGCYCGWGGQGQPKDATDRCCFVHDCCYGKLSNCKPKTDRYSYSRKSGVIICGEGTP
CEKQICECDKAAAVCFRENLRTYKKRYMAYPDVLCKKPAEKC
;
_entity_poly.pdbx_strand_id   A,B
#
# COMPACT_ATOMS: atom_id res chain seq x y z
N SER A 1 3.32 4.14 13.82
CA SER A 1 2.71 3.05 13.08
C SER A 1 2.96 3.20 11.58
N LEU A 2 2.39 2.29 10.79
CA LEU A 2 2.57 2.32 9.35
C LEU A 2 1.77 3.46 8.72
N ILE A 3 0.84 4.02 9.49
CA ILE A 3 0.08 5.18 9.06
C ILE A 3 1.00 6.40 8.95
N GLU A 4 1.69 6.68 10.05
CA GLU A 4 2.66 7.78 10.08
C GLU A 4 3.74 7.58 9.04
N PHE A 5 4.17 6.34 8.87
CA PHE A 5 5.20 6.03 7.88
C PHE A 5 4.69 6.27 6.47
N ALA A 6 3.41 5.95 6.24
CA ALA A 6 2.79 6.17 4.94
C ALA A 6 2.75 7.67 4.63
N LYS A 7 2.29 8.44 5.61
CA LYS A 7 2.23 9.89 5.45
C LYS A 7 3.63 10.49 5.24
N MET A 8 4.63 9.89 5.88
CA MET A 8 6.02 10.29 5.69
C MET A 8 6.50 10.01 4.27
N ILE A 9 6.16 8.83 3.75
CA ILE A 9 6.50 8.47 2.38
C ILE A 9 5.88 9.45 1.40
N LEU A 10 4.59 9.74 1.59
CA LEU A 10 3.88 10.68 0.75
C LEU A 10 4.50 12.07 0.80
N GLU A 11 4.86 12.51 2.01
CA GLU A 11 5.43 13.85 2.19
C GLU A 11 6.83 13.98 1.59
N GLU A 12 7.61 12.91 1.65
CA GLU A 12 9.01 12.98 1.25
C GLU A 12 9.25 12.65 -0.22
N THR A 13 8.52 11.67 -0.75
CA THR A 13 8.73 11.25 -2.13
C THR A 13 7.72 11.92 -3.07
N LYS A 14 6.76 12.64 -2.47
CA LYS A 14 5.68 13.28 -3.20
C LYS A 14 4.88 12.25 -4.01
N ARG A 15 4.88 11.01 -3.53
CA ARG A 15 4.11 9.93 -4.12
C ARG A 15 3.42 9.11 -3.05
N LEU A 16 2.21 8.63 -3.33
CA LEU A 16 1.51 7.74 -2.42
C LEU A 16 2.31 6.46 -2.24
N PRO A 17 2.42 5.98 -0.99
CA PRO A 17 3.17 4.76 -0.65
C PRO A 17 2.74 3.58 -1.52
N PHE A 18 1.43 3.45 -1.74
CA PHE A 18 0.89 2.52 -2.69
C PHE A 18 0.49 3.28 -3.95
N PRO A 19 0.82 2.75 -5.13
CA PRO A 19 1.54 1.49 -5.33
C PRO A 19 3.04 1.67 -5.56
N TYR A 20 3.53 2.89 -5.38
CA TYR A 20 4.90 3.23 -5.76
C TYR A 20 5.98 2.51 -4.95
N TYR A 21 5.69 2.20 -3.69
CA TYR A 21 6.70 1.62 -2.82
C TYR A 21 6.25 0.31 -2.17
N THR A 22 4.94 0.16 -2.00
CA THR A 22 4.37 -1.05 -1.43
C THR A 22 4.59 -2.25 -2.36
N THR A 23 4.69 -1.97 -3.66
CA THR A 23 4.81 -3.03 -4.65
C THR A 23 6.16 -3.03 -5.36
N TYR A 24 7.11 -2.24 -4.84
CA TYR A 24 8.38 -2.04 -5.53
C TYR A 24 9.39 -3.15 -5.26
N GLY A 25 10.11 -3.53 -6.31
CA GLY A 25 11.26 -4.43 -6.18
C GLY A 25 10.98 -5.82 -5.64
N CYS A 26 11.97 -6.40 -4.97
CA CYS A 26 11.86 -7.75 -4.44
C CYS A 26 11.73 -7.77 -2.93
N TYR A 27 12.11 -6.70 -2.26
CA TYR A 27 12.01 -6.64 -0.80
C TYR A 27 10.82 -5.82 -0.34
N CYS A 28 10.67 -4.62 -0.90
CA CYS A 28 9.57 -3.74 -0.54
C CYS A 28 8.22 -4.37 -0.90
N GLY A 29 8.15 -4.98 -2.07
CA GLY A 29 6.90 -5.47 -2.61
C GLY A 29 6.56 -6.92 -2.37
N TRP A 30 7.50 -7.68 -1.82
CA TRP A 30 7.27 -9.11 -1.61
C TRP A 30 7.47 -9.54 -0.16
N GLY A 31 7.14 -8.65 0.77
CA GLY A 31 7.25 -8.95 2.19
C GLY A 31 8.64 -9.32 2.63
N GLY A 32 9.64 -8.74 1.96
CA GLY A 32 11.03 -8.99 2.30
C GLY A 32 11.50 -10.41 2.02
N GLN A 33 10.88 -11.05 1.04
CA GLN A 33 11.22 -12.43 0.71
C GLN A 33 12.48 -12.54 -0.16
N GLY A 34 12.82 -11.45 -0.84
CA GLY A 34 13.92 -11.48 -1.79
C GLY A 34 14.98 -10.41 -1.62
N GLN A 35 16.10 -10.59 -2.31
CA GLN A 35 17.20 -9.64 -2.31
C GLN A 35 16.79 -8.32 -2.97
N PRO A 36 17.11 -7.19 -2.32
CA PRO A 36 16.84 -5.88 -2.91
C PRO A 36 17.59 -5.67 -4.22
N LYS A 37 16.89 -5.19 -5.25
CA LYS A 37 17.51 -4.99 -6.54
C LYS A 37 17.76 -3.52 -6.82
N ASP A 38 17.49 -2.68 -5.84
CA ASP A 38 17.64 -1.23 -6.01
C ASP A 38 18.12 -0.59 -4.72
N ALA A 39 18.48 0.69 -4.81
CA ALA A 39 18.83 1.47 -3.63
C ALA A 39 17.57 1.72 -2.79
N THR A 40 16.52 2.17 -3.47
CA THR A 40 15.24 2.39 -2.81
C THR A 40 14.62 1.07 -2.37
N ASP A 41 14.96 -0.01 -3.05
CA ASP A 41 14.53 -1.34 -2.63
C ASP A 41 15.27 -1.71 -1.35
N ARG A 42 16.54 -1.30 -1.27
CA ARG A 42 17.35 -1.54 -0.08
C ARG A 42 16.89 -0.69 1.11
N CYS A 43 16.26 0.44 0.81
CA CYS A 43 15.72 1.31 1.85
C CYS A 43 14.73 0.55 2.73
N CYS A 44 13.92 -0.30 2.11
CA CYS A 44 12.96 -1.13 2.83
C CYS A 44 13.65 -2.16 3.69
N PHE A 45 14.81 -2.64 3.21
CA PHE A 45 15.61 -3.61 3.94
C PHE A 45 16.18 -2.99 5.21
N VAL A 46 16.75 -1.81 5.07
CA VAL A 46 17.31 -1.08 6.21
C VAL A 46 16.21 -0.69 7.19
N HIS A 47 15.06 -0.29 6.64
CA HIS A 47 13.89 0.05 7.45
C HIS A 47 13.46 -1.16 8.28
N ASP A 48 13.42 -2.32 7.64
CA ASP A 48 12.98 -3.55 8.29
C ASP A 48 13.99 -3.98 9.34
N CYS A 49 15.27 -3.74 9.09
CA CYS A 49 16.31 -4.04 10.06
C CYS A 49 16.22 -3.11 11.25
N CYS A 50 15.74 -1.88 11.01
CA CYS A 50 15.56 -0.91 12.07
C CYS A 50 14.47 -1.38 13.03
N TYR A 51 13.40 -1.94 12.46
CA TYR A 51 12.33 -2.53 13.26
C TYR A 51 12.84 -3.74 14.05
N GLY A 52 13.87 -4.39 13.52
CA GLY A 52 14.43 -5.57 14.15
C GLY A 52 15.16 -5.26 15.44
N LYS A 53 15.84 -4.11 15.48
CA LYS A 53 16.60 -3.70 16.65
C LYS A 53 15.68 -3.26 17.79
N LEU A 54 14.38 -3.21 17.51
CA LEU A 54 13.42 -2.70 18.49
C LEU A 54 12.52 -3.81 19.01
N SER A 55 12.52 -3.99 20.34
CA SER A 55 11.70 -4.98 21.00
C SER A 55 11.64 -4.67 22.50
N ASN A 56 10.48 -4.84 23.12
CA ASN A 56 9.29 -5.36 22.46
C ASN A 56 8.35 -4.25 22.00
N CYS A 57 8.78 -3.48 21.02
CA CYS A 57 7.94 -2.44 20.43
C CYS A 57 7.02 -3.04 19.37
N LYS A 58 5.92 -2.35 19.09
CA LYS A 58 5.02 -2.74 18.02
C LYS A 58 5.01 -1.67 16.94
N PRO A 59 6.01 -1.71 16.05
CA PRO A 59 6.24 -0.67 15.04
C PRO A 59 5.08 -0.50 14.06
N LYS A 60 4.36 -1.59 13.79
CA LYS A 60 3.27 -1.56 12.83
C LYS A 60 2.04 -0.82 13.34
N THR A 61 1.78 -0.95 14.64
CA THR A 61 0.52 -0.46 15.20
C THR A 61 0.66 0.74 16.14
N ASP A 62 1.78 0.82 16.85
CA ASP A 62 1.96 1.90 17.84
C ASP A 62 2.09 3.25 17.16
N ARG A 63 1.21 4.18 17.53
CA ARG A 63 1.17 5.50 16.91
C ARG A 63 2.17 6.47 17.53
N TYR A 64 2.54 7.49 16.77
CA TYR A 64 3.41 8.54 17.27
C TYR A 64 3.14 9.85 16.54
N SER A 65 3.68 10.95 17.07
CA SER A 65 3.55 12.26 16.45
C SER A 65 4.88 12.72 15.87
N TYR A 66 4.83 13.57 14.86
CA TYR A 66 6.05 14.16 14.30
C TYR A 66 5.80 15.52 13.66
N SER A 67 6.70 16.45 13.96
CA SER A 67 6.63 17.81 13.42
C SER A 67 7.54 17.95 12.21
N ARG A 68 7.57 19.15 11.64
CA ARG A 68 8.45 19.43 10.50
C ARG A 68 9.10 20.80 10.63
N LYS A 69 10.42 20.82 10.86
CA LYS A 69 11.16 22.06 10.78
C LYS A 69 11.64 22.25 9.35
N SER A 70 12.60 23.14 9.14
CA SER A 70 13.10 23.49 7.81
C SER A 70 13.33 22.27 6.91
N GLY A 71 12.23 21.68 6.46
CA GLY A 71 12.27 20.51 5.60
C GLY A 71 12.75 19.25 6.30
N VAL A 72 12.67 19.22 7.63
CA VAL A 72 13.19 18.09 8.38
C VAL A 72 12.18 17.51 9.37
N ILE A 73 12.01 16.18 9.33
CA ILE A 73 11.11 15.48 10.25
C ILE A 73 11.63 15.51 11.69
N ILE A 74 10.74 15.84 12.63
CA ILE A 74 11.08 15.85 14.04
C ILE A 74 10.21 14.91 14.84
N CYS A 75 10.76 13.78 15.26
CA CYS A 75 10.01 12.79 16.02
C CYS A 75 9.58 13.35 17.38
N GLY A 76 8.39 12.98 17.82
CA GLY A 76 7.85 13.46 19.08
C GLY A 76 8.35 12.67 20.27
N GLU A 77 8.21 13.25 21.45
CA GLU A 77 8.62 12.59 22.69
C GLU A 77 7.57 11.59 23.15
N GLY A 78 7.97 10.71 24.07
CA GLY A 78 7.07 9.70 24.60
C GLY A 78 7.80 8.41 24.92
N THR A 79 7.11 7.29 24.77
CA THR A 79 7.72 5.98 24.97
C THR A 79 8.90 5.81 24.01
N PRO A 80 9.99 5.19 24.49
CA PRO A 80 11.20 4.99 23.67
C PRO A 80 10.87 4.29 22.35
N CYS A 81 9.89 3.40 22.40
CA CYS A 81 9.37 2.76 21.20
C CYS A 81 8.85 3.79 20.21
N GLU A 82 8.01 4.71 20.71
CA GLU A 82 7.40 5.72 19.85
C GLU A 82 8.43 6.64 19.19
N LYS A 83 9.60 6.76 19.79
CA LYS A 83 10.65 7.60 19.25
C LYS A 83 11.50 6.83 18.24
N GLN A 84 11.94 5.63 18.62
CA GLN A 84 12.81 4.84 17.75
C GLN A 84 12.09 4.30 16.50
N ILE A 85 10.82 3.94 16.67
CA ILE A 85 9.96 3.56 15.54
C ILE A 85 9.89 4.72 14.55
N CYS A 86 9.66 5.92 15.08
CA CYS A 86 9.60 7.13 14.28
C CYS A 86 10.93 7.39 13.59
N GLU A 87 12.04 7.05 14.24
CA GLU A 87 13.36 7.22 13.63
C GLU A 87 13.55 6.24 12.49
N CYS A 88 13.04 5.02 12.65
CA CYS A 88 13.08 4.03 11.58
C CYS A 88 12.30 4.51 10.36
N ASP A 89 11.06 4.91 10.59
CA ASP A 89 10.19 5.37 9.52
C ASP A 89 10.75 6.61 8.83
N LYS A 90 11.31 7.52 9.63
CA LYS A 90 11.92 8.74 9.11
C LYS A 90 13.11 8.43 8.22
N ALA A 91 14.03 7.63 8.75
CA ALA A 91 15.21 7.19 8.00
C ALA A 91 14.80 6.54 6.69
N ALA A 92 13.73 5.75 6.74
CA ALA A 92 13.25 5.03 5.57
C ALA A 92 12.69 5.99 4.51
N ALA A 93 11.83 6.91 4.93
CA ALA A 93 11.23 7.87 4.00
C ALA A 93 12.28 8.77 3.37
N VAL A 94 13.17 9.29 4.21
CA VAL A 94 14.29 10.11 3.74
C VAL A 94 15.13 9.32 2.74
N CYS A 95 15.35 8.05 3.04
CA CYS A 95 16.07 7.17 2.13
C CYS A 95 15.37 7.06 0.78
N PHE A 96 14.04 6.94 0.82
CA PHE A 96 13.24 6.90 -0.40
C PHE A 96 13.44 8.18 -1.22
N ARG A 97 13.41 9.32 -0.53
CA ARG A 97 13.58 10.61 -1.20
C ARG A 97 14.96 10.76 -1.84
N GLU A 98 16.00 10.44 -1.08
CA GLU A 98 17.38 10.64 -1.54
C GLU A 98 17.73 9.77 -2.74
N ASN A 99 16.97 8.72 -2.97
CA ASN A 99 17.23 7.80 -4.08
C ASN A 99 16.14 7.85 -5.14
N LEU A 100 15.46 8.99 -5.24
CA LEU A 100 14.42 9.18 -6.24
C LEU A 100 15.01 9.22 -7.65
N ARG A 101 16.31 9.50 -7.74
CA ARG A 101 17.01 9.51 -9.01
C ARG A 101 17.22 8.08 -9.51
N THR A 102 17.20 7.12 -8.58
CA THR A 102 17.42 5.72 -8.91
C THR A 102 16.09 4.99 -9.13
N TYR A 103 15.01 5.56 -8.62
CA TYR A 103 13.69 4.93 -8.65
C TYR A 103 13.25 4.55 -10.07
N LYS A 104 12.95 3.28 -10.26
CA LYS A 104 12.49 2.78 -11.54
C LYS A 104 11.02 2.36 -11.45
N LYS A 105 10.14 3.05 -12.19
CA LYS A 105 8.73 2.72 -12.18
C LYS A 105 8.47 1.30 -12.64
N ARG A 106 9.40 0.78 -13.43
CA ARG A 106 9.28 -0.57 -13.99
C ARG A 106 9.49 -1.66 -12.93
N TYR A 107 9.97 -1.27 -11.76
CA TYR A 107 10.18 -2.22 -10.68
C TYR A 107 8.93 -2.38 -9.82
N MET A 108 7.89 -1.61 -10.13
CA MET A 108 6.59 -1.80 -9.50
C MET A 108 6.01 -3.14 -9.92
N ALA A 109 5.54 -3.91 -8.94
CA ALA A 109 5.02 -5.25 -9.17
C ALA A 109 6.04 -6.12 -9.91
N TYR A 110 7.25 -6.19 -9.35
CA TYR A 110 8.33 -6.95 -9.95
C TYR A 110 8.03 -8.45 -9.89
N PRO A 111 8.36 -9.18 -10.96
CA PRO A 111 8.14 -10.64 -11.02
C PRO A 111 8.80 -11.37 -9.86
N ASP A 112 8.07 -12.28 -9.24
CA ASP A 112 8.55 -12.99 -8.06
C ASP A 112 9.70 -13.94 -8.39
N VAL A 113 9.58 -14.65 -9.50
CA VAL A 113 10.58 -15.65 -9.88
C VAL A 113 11.88 -14.99 -10.36
N LEU A 114 11.85 -13.68 -10.58
CA LEU A 114 13.05 -12.95 -10.94
C LEU A 114 13.77 -12.46 -9.69
N CYS A 115 13.07 -12.49 -8.56
CA CYS A 115 13.65 -12.10 -7.29
C CYS A 115 14.53 -13.20 -6.72
N LYS A 116 15.65 -12.82 -6.12
CA LYS A 116 16.56 -13.77 -5.50
C LYS A 116 16.19 -13.99 -4.03
N LYS A 117 15.68 -15.17 -3.72
CA LYS A 117 15.31 -15.51 -2.35
C LYS A 117 16.39 -16.34 -1.67
N PRO A 118 16.65 -16.07 -0.39
CA PRO A 118 16.03 -14.99 0.38
C PRO A 118 16.92 -13.75 0.42
N ALA A 119 16.54 -12.77 1.23
CA ALA A 119 17.36 -11.58 1.43
C ALA A 119 18.52 -11.90 2.37
N GLU A 120 19.32 -10.89 2.70
CA GLU A 120 20.42 -11.08 3.63
C GLU A 120 19.94 -11.02 5.07
N LYS A 121 20.82 -11.38 6.00
CA LYS A 121 20.56 -11.14 7.40
C LYS A 121 20.79 -9.66 7.69
N CYS A 122 19.99 -9.09 8.58
CA CYS A 122 20.11 -7.68 8.91
C CYS A 122 21.44 -7.36 9.59
N SER B 1 -4.94 2.55 -13.94
CA SER B 1 -3.94 1.73 -13.27
C SER B 1 -4.27 1.58 -11.79
N LEU B 2 -3.24 1.33 -10.99
CA LEU B 2 -3.39 1.25 -9.54
C LEU B 2 -3.15 2.62 -8.90
N ILE B 3 -2.52 3.52 -9.66
CA ILE B 3 -2.23 4.86 -9.16
C ILE B 3 -3.50 5.68 -8.99
N GLU B 4 -4.32 5.72 -10.04
CA GLU B 4 -5.60 6.39 -10.00
C GLU B 4 -6.51 5.77 -8.96
N PHE B 5 -6.42 4.45 -8.79
CA PHE B 5 -7.21 3.76 -7.78
C PHE B 5 -6.77 4.20 -6.39
N ALA B 6 -5.46 4.35 -6.20
CA ALA B 6 -4.91 4.82 -4.93
C ALA B 6 -5.41 6.22 -4.61
N LYS B 7 -5.29 7.12 -5.58
CA LYS B 7 -5.76 8.50 -5.42
C LYS B 7 -7.25 8.53 -5.12
N MET B 8 -8.01 7.66 -5.80
CA MET B 8 -9.43 7.51 -5.54
C MET B 8 -9.70 7.11 -4.10
N ILE B 9 -8.92 6.14 -3.61
CA ILE B 9 -9.05 5.68 -2.24
C ILE B 9 -8.83 6.83 -1.27
N LEU B 10 -7.80 7.63 -1.53
CA LEU B 10 -7.51 8.78 -0.68
C LEU B 10 -8.63 9.83 -0.74
N GLU B 11 -9.25 9.97 -1.90
CA GLU B 11 -10.29 10.98 -2.10
C GLU B 11 -11.63 10.57 -1.51
N GLU B 12 -11.87 9.26 -1.42
CA GLU B 12 -13.16 8.75 -0.96
C GLU B 12 -13.16 8.35 0.51
N THR B 13 -12.03 7.86 0.99
CA THR B 13 -11.95 7.37 2.36
C THR B 13 -11.18 8.34 3.27
N LYS B 14 -10.48 9.28 2.65
CA LYS B 14 -9.62 10.24 3.34
C LYS B 14 -8.50 9.53 4.10
N ARG B 15 -8.34 8.24 3.82
CA ARG B 15 -7.26 7.44 4.38
C ARG B 15 -6.36 6.96 3.25
N LEU B 16 -5.06 6.95 3.50
CA LEU B 16 -4.10 6.49 2.50
C LEU B 16 -4.32 5.02 2.17
N PRO B 17 -4.19 4.66 0.89
CA PRO B 17 -4.32 3.27 0.41
C PRO B 17 -3.49 2.31 1.25
N PHE B 18 -2.24 2.68 1.47
CA PHE B 18 -1.40 2.00 2.43
C PHE B 18 -1.36 2.84 3.71
N PRO B 19 -1.53 2.20 4.88
CA PRO B 19 -1.70 0.75 5.06
C PRO B 19 -3.16 0.32 5.18
N TYR B 20 -4.07 1.27 5.05
CA TYR B 20 -5.48 1.03 5.39
C TYR B 20 -6.20 -0.01 4.51
N TYR B 21 -5.82 -0.12 3.25
CA TYR B 21 -6.56 -0.99 2.34
C TYR B 21 -5.68 -1.90 1.47
N THR B 22 -4.36 -1.83 1.66
CA THR B 22 -3.46 -2.65 0.86
C THR B 22 -2.99 -3.88 1.61
N THR B 23 -3.26 -3.91 2.91
CA THR B 23 -2.87 -5.04 3.76
C THR B 23 -4.04 -5.53 4.60
N TYR B 24 -5.25 -5.38 4.08
CA TYR B 24 -6.46 -5.63 4.86
C TYR B 24 -7.08 -6.99 4.55
N GLY B 25 -7.47 -7.71 5.60
CA GLY B 25 -8.22 -8.94 5.47
C GLY B 25 -7.60 -10.03 4.61
N CYS B 26 -8.43 -10.70 3.82
CA CYS B 26 -8.00 -11.83 3.02
C CYS B 26 -7.94 -11.53 1.53
N TYR B 27 -8.38 -10.34 1.13
CA TYR B 27 -8.41 -9.99 -0.28
C TYR B 27 -7.82 -8.61 -0.58
N CYS B 28 -7.93 -7.68 0.37
CA CYS B 28 -7.35 -6.36 0.18
C CYS B 28 -5.84 -6.42 0.34
N GLY B 29 -5.19 -7.06 -0.63
CA GLY B 29 -3.75 -7.24 -0.62
C GLY B 29 -3.30 -7.96 -1.87
N TRP B 30 -2.03 -7.81 -2.22
CA TRP B 30 -1.48 -8.39 -3.45
C TRP B 30 -1.72 -9.89 -3.53
N GLY B 31 -2.86 -10.27 -4.10
CA GLY B 31 -3.24 -11.67 -4.20
C GLY B 31 -3.92 -12.15 -2.95
N GLY B 32 -5.17 -12.59 -3.07
CA GLY B 32 -5.94 -13.01 -1.92
C GLY B 32 -6.62 -14.35 -2.08
N GLN B 33 -6.83 -15.04 -0.96
CA GLN B 33 -7.50 -16.32 -0.95
C GLN B 33 -8.48 -16.40 0.22
N GLY B 34 -9.03 -17.58 0.45
CA GLY B 34 -9.95 -17.80 1.56
C GLY B 34 -11.25 -17.02 1.44
N GLN B 35 -12.08 -17.07 2.46
CA GLN B 35 -13.26 -16.26 2.40
C GLN B 35 -12.90 -14.90 2.95
N PRO B 36 -13.62 -13.89 2.52
CA PRO B 36 -13.39 -12.52 2.97
C PRO B 36 -13.82 -12.30 4.42
N LYS B 37 -13.11 -11.43 5.14
CA LYS B 37 -13.42 -11.17 6.53
C LYS B 37 -14.73 -10.39 6.67
N ASP B 38 -14.64 -9.07 6.64
CA ASP B 38 -15.81 -8.22 6.80
C ASP B 38 -16.31 -7.68 5.46
N ALA B 39 -17.13 -6.63 5.55
CA ALA B 39 -17.70 -6.02 4.36
C ALA B 39 -16.63 -5.31 3.53
N THR B 40 -15.72 -4.62 4.22
CA THR B 40 -14.62 -3.92 3.56
C THR B 40 -13.74 -4.89 2.80
N ASP B 41 -13.49 -6.06 3.39
CA ASP B 41 -12.58 -7.03 2.81
C ASP B 41 -13.14 -7.64 1.52
N ARG B 42 -14.45 -7.63 1.44
CA ARG B 42 -15.20 -8.21 0.36
C ARG B 42 -15.26 -7.27 -0.81
N CYS B 43 -15.08 -6.00 -0.54
CA CYS B 43 -15.04 -4.94 -1.55
C CYS B 43 -13.87 -5.21 -2.48
N CYS B 44 -12.77 -5.67 -1.89
CA CYS B 44 -11.59 -6.04 -2.64
C CYS B 44 -11.84 -7.31 -3.46
N PHE B 45 -12.67 -8.19 -2.91
CA PHE B 45 -13.07 -9.41 -3.62
C PHE B 45 -13.80 -9.04 -4.90
N VAL B 46 -14.83 -8.21 -4.75
CA VAL B 46 -15.59 -7.72 -5.89
C VAL B 46 -14.68 -6.94 -6.85
N HIS B 47 -13.67 -6.27 -6.30
CA HIS B 47 -12.73 -5.51 -7.12
C HIS B 47 -11.89 -6.45 -8.00
N ASP B 48 -11.54 -7.58 -7.44
CA ASP B 48 -10.74 -8.55 -8.14
C ASP B 48 -11.54 -9.21 -9.20
N CYS B 49 -12.76 -9.59 -8.85
CA CYS B 49 -13.65 -10.20 -9.84
C CYS B 49 -13.89 -9.22 -10.98
N CYS B 50 -14.03 -7.94 -10.62
CA CYS B 50 -14.25 -6.88 -11.59
C CYS B 50 -13.05 -6.80 -12.55
N TYR B 51 -11.85 -6.77 -11.98
CA TYR B 51 -10.63 -6.82 -12.79
C TYR B 51 -10.59 -8.08 -13.65
N GLY B 52 -10.98 -9.20 -13.06
CA GLY B 52 -10.96 -10.49 -13.75
C GLY B 52 -11.89 -10.55 -14.94
N LYS B 53 -12.94 -9.75 -14.92
CA LYS B 53 -13.87 -9.68 -16.05
C LYS B 53 -13.24 -8.94 -17.23
N LEU B 54 -12.19 -8.18 -16.96
CA LEU B 54 -11.55 -7.36 -17.98
C LEU B 54 -10.26 -7.99 -18.51
N SER B 55 -10.38 -9.21 -19.04
CA SER B 55 -9.23 -9.92 -19.59
C SER B 55 -8.72 -9.24 -20.86
N ASN B 56 -9.61 -8.51 -21.53
CA ASN B 56 -9.24 -7.78 -22.74
C ASN B 56 -8.38 -6.56 -22.44
N CYS B 57 -8.23 -6.25 -21.16
CA CYS B 57 -7.50 -5.06 -20.75
C CYS B 57 -6.37 -5.39 -19.77
N LYS B 58 -5.64 -4.37 -19.35
CA LYS B 58 -4.60 -4.52 -18.35
C LYS B 58 -4.87 -3.57 -17.17
N PRO B 59 -5.81 -3.96 -16.29
CA PRO B 59 -6.34 -3.13 -15.21
C PRO B 59 -5.29 -2.49 -14.31
N LYS B 60 -4.22 -3.21 -14.01
CA LYS B 60 -3.22 -2.73 -13.05
C LYS B 60 -2.28 -1.68 -13.64
N THR B 61 -2.04 -1.76 -14.96
CA THR B 61 -1.01 -0.94 -15.58
C THR B 61 -1.57 0.19 -16.44
N ASP B 62 -2.67 -0.07 -17.13
CA ASP B 62 -3.25 0.90 -18.05
C ASP B 62 -3.78 2.13 -17.30
N ARG B 63 -3.07 3.25 -17.43
CA ARG B 63 -3.46 4.49 -16.79
C ARG B 63 -4.71 5.07 -17.43
N TYR B 64 -5.51 5.77 -16.64
CA TYR B 64 -6.72 6.40 -17.14
C TYR B 64 -6.94 7.77 -16.50
N SER B 65 -7.96 8.48 -16.97
CA SER B 65 -8.30 9.79 -16.42
C SER B 65 -9.70 9.77 -15.83
N TYR B 66 -9.90 10.55 -14.76
CA TYR B 66 -11.23 10.67 -14.19
C TYR B 66 -11.45 12.03 -13.53
N SER B 67 -12.68 12.52 -13.63
CA SER B 67 -13.08 13.82 -13.09
C SER B 67 -14.29 13.68 -12.18
N ARG B 68 -14.69 14.78 -11.56
CA ARG B 68 -15.81 14.77 -10.62
C ARG B 68 -16.87 15.82 -10.99
N LYS B 69 -18.12 15.55 -10.66
CA LYS B 69 -19.19 16.49 -10.94
C LYS B 69 -19.77 17.06 -9.64
N SER B 70 -20.70 16.31 -9.04
CA SER B 70 -21.26 16.71 -7.76
C SER B 70 -20.55 15.98 -6.62
N GLY B 71 -19.24 15.81 -6.77
CA GLY B 71 -18.44 15.09 -5.79
C GLY B 71 -18.44 13.60 -6.05
N VAL B 72 -18.75 13.24 -7.30
CA VAL B 72 -18.81 11.83 -7.70
C VAL B 72 -17.89 11.59 -8.89
N ILE B 73 -17.11 10.52 -8.81
CA ILE B 73 -16.19 10.12 -9.88
C ILE B 73 -16.94 9.80 -11.18
N ILE B 74 -16.54 10.43 -12.27
CA ILE B 74 -17.17 10.16 -13.56
C ILE B 74 -16.42 9.06 -14.32
N CYS B 75 -15.09 9.17 -14.36
CA CYS B 75 -14.20 8.32 -15.16
C CYS B 75 -14.80 7.90 -16.51
N GLY B 76 -14.93 8.86 -17.41
CA GLY B 76 -15.41 8.61 -18.75
C GLY B 76 -14.59 9.39 -19.76
N GLU B 77 -13.35 8.97 -19.94
CA GLU B 77 -12.40 9.71 -20.76
C GLU B 77 -11.99 8.97 -22.04
N GLY B 78 -11.25 7.89 -21.88
CA GLY B 78 -10.62 7.23 -23.02
C GLY B 78 -11.23 5.91 -23.47
N THR B 79 -10.36 4.92 -23.65
CA THR B 79 -10.76 3.61 -24.17
C THR B 79 -11.78 2.92 -23.27
N PRO B 80 -12.60 2.04 -23.86
CA PRO B 80 -13.54 1.23 -23.06
C PRO B 80 -12.82 0.43 -21.98
N CYS B 81 -11.62 -0.03 -22.28
CA CYS B 81 -10.75 -0.66 -21.29
C CYS B 81 -10.58 0.27 -20.09
N GLU B 82 -10.05 1.46 -20.36
CA GLU B 82 -9.79 2.45 -19.32
C GLU B 82 -11.06 2.84 -18.58
N LYS B 83 -12.15 2.95 -19.31
CA LYS B 83 -13.43 3.30 -18.77
C LYS B 83 -13.88 2.28 -17.76
N GLN B 84 -13.81 1.01 -18.12
CA GLN B 84 -14.26 -0.09 -17.28
C GLN B 84 -13.35 -0.33 -16.07
N ILE B 85 -12.05 -0.17 -16.29
CA ILE B 85 -11.07 -0.25 -15.20
C ILE B 85 -11.37 0.83 -14.16
N CYS B 86 -11.57 2.05 -14.64
CA CYS B 86 -11.96 3.18 -13.81
C CYS B 86 -13.25 2.88 -13.07
N GLU B 87 -14.15 2.18 -13.74
CA GLU B 87 -15.44 1.82 -13.16
C GLU B 87 -15.24 0.87 -11.98
N CYS B 88 -14.37 -0.11 -12.18
CA CYS B 88 -14.01 -1.06 -11.12
C CYS B 88 -13.43 -0.32 -9.92
N ASP B 89 -12.46 0.56 -10.17
CA ASP B 89 -11.82 1.32 -9.10
C ASP B 89 -12.80 2.21 -8.36
N LYS B 90 -13.72 2.81 -9.10
CA LYS B 90 -14.76 3.66 -8.52
C LYS B 90 -15.65 2.83 -7.59
N ALA B 91 -16.09 1.69 -8.08
CA ALA B 91 -16.94 0.79 -7.29
C ALA B 91 -16.24 0.38 -5.99
N ALA B 92 -14.98 -0.03 -6.11
CA ALA B 92 -14.21 -0.46 -4.95
C ALA B 92 -14.02 0.65 -3.93
N ALA B 93 -13.63 1.83 -4.41
CA ALA B 93 -13.39 2.98 -3.55
C ALA B 93 -14.65 3.42 -2.83
N VAL B 94 -15.75 3.54 -3.56
CA VAL B 94 -17.04 3.89 -2.98
C VAL B 94 -17.43 2.84 -1.93
N CYS B 95 -17.18 1.56 -2.26
CA CYS B 95 -17.46 0.48 -1.32
C CYS B 95 -16.64 0.63 -0.04
N PHE B 96 -15.42 1.16 -0.17
CA PHE B 96 -14.60 1.47 1.00
C PHE B 96 -15.25 2.59 1.80
N ARG B 97 -15.75 3.60 1.10
CA ARG B 97 -16.37 4.75 1.75
C ARG B 97 -17.65 4.37 2.50
N GLU B 98 -18.37 3.39 1.97
CA GLU B 98 -19.65 2.99 2.56
C GLU B 98 -19.49 1.97 3.69
N ASN B 99 -18.24 1.62 3.99
CA ASN B 99 -17.97 0.63 5.03
C ASN B 99 -16.90 1.08 6.02
N LEU B 100 -16.84 2.39 6.27
CA LEU B 100 -15.90 2.92 7.24
C LEU B 100 -16.30 2.52 8.66
N ARG B 101 -17.59 2.31 8.87
CA ARG B 101 -18.11 1.92 10.18
C ARG B 101 -17.74 0.48 10.52
N THR B 102 -17.87 -0.41 9.54
CA THR B 102 -17.58 -1.81 9.74
C THR B 102 -16.06 -2.05 9.78
N TYR B 103 -15.31 -1.15 9.17
CA TYR B 103 -13.85 -1.24 9.09
C TYR B 103 -13.21 -1.52 10.46
N LYS B 104 -12.42 -2.59 10.52
CA LYS B 104 -11.72 -2.95 11.75
C LYS B 104 -10.22 -2.80 11.59
N LYS B 105 -9.61 -1.92 12.36
CA LYS B 105 -8.17 -1.68 12.28
C LYS B 105 -7.34 -2.89 12.62
N ARG B 106 -7.94 -3.84 13.31
CA ARG B 106 -7.24 -5.06 13.68
C ARG B 106 -7.00 -5.94 12.45
N TYR B 107 -7.81 -5.74 11.41
CA TYR B 107 -7.71 -6.54 10.19
C TYR B 107 -6.59 -6.06 9.29
N MET B 108 -5.90 -4.99 9.69
CA MET B 108 -4.70 -4.56 8.99
C MET B 108 -3.60 -5.59 9.19
N ALA B 109 -2.87 -5.89 8.11
CA ALA B 109 -1.83 -6.91 8.12
C ALA B 109 -2.37 -8.26 8.57
N TYR B 110 -3.63 -8.53 8.26
CA TYR B 110 -4.24 -9.83 8.53
C TYR B 110 -3.46 -10.88 7.74
N PRO B 111 -2.79 -11.79 8.45
CA PRO B 111 -1.85 -12.75 7.85
C PRO B 111 -2.49 -13.60 6.76
N ASP B 112 -1.68 -14.02 5.79
CA ASP B 112 -2.15 -14.95 4.75
C ASP B 112 -2.47 -16.29 5.40
N VAL B 113 -1.72 -16.61 6.46
CA VAL B 113 -2.05 -17.74 7.31
C VAL B 113 -3.25 -17.32 8.17
N LEU B 114 -4.06 -18.29 8.59
CA LEU B 114 -5.33 -18.07 9.30
C LEU B 114 -6.39 -17.48 8.36
N CYS B 115 -5.98 -17.07 7.16
CA CYS B 115 -6.92 -16.67 6.13
C CYS B 115 -7.44 -17.93 5.42
N LYS B 116 -8.48 -18.51 6.00
CA LYS B 116 -9.04 -19.77 5.52
C LYS B 116 -10.51 -19.60 5.18
N LYS B 117 -11.02 -20.39 4.23
CA LYS B 117 -10.25 -21.39 3.50
C LYS B 117 -10.24 -21.12 2.00
N PRO B 118 -9.07 -21.30 1.37
CA PRO B 118 -8.87 -20.99 -0.06
C PRO B 118 -9.77 -21.81 -0.98
N ALA B 119 -10.68 -21.15 -1.70
CA ALA B 119 -10.86 -19.70 -1.63
C ALA B 119 -12.35 -19.36 -1.74
N GLU B 120 -12.71 -18.72 -2.84
CA GLU B 120 -14.11 -18.36 -3.11
C GLU B 120 -14.28 -17.98 -4.58
N LYS B 121 -15.18 -18.69 -5.26
CA LYS B 121 -15.43 -18.44 -6.68
C LYS B 121 -16.16 -17.11 -6.89
N CYS B 122 -15.72 -16.36 -7.89
CA CYS B 122 -16.32 -15.07 -8.21
C CYS B 122 -17.76 -15.24 -8.72
#